data_5Z4M
#
_entry.id   5Z4M
#
_cell.length_a   61.962
_cell.length_b   84.556
_cell.length_c   149.347
_cell.angle_alpha   90.000
_cell.angle_beta   90.000
_cell.angle_gamma   90.000
#
_symmetry.space_group_name_H-M   'C 2 2 21'
#
loop_
_entity.id
_entity.type
_entity.pdbx_description
1 polymer 'Terminal uridylyltransferase Tailor'
2 non-polymer "URIDINE 5'-TRIPHOSPHATE"
3 non-polymer 'MAGNESIUM ION'
4 water water
#
_entity_poly.entity_id   1
_entity_poly.type   'polypeptide(L)'
_entity_poly.pdbx_seq_one_letter_code
;HMQHITVRLPKKARAMIVGEITNVFKDKYPIADKLKVIPEYDVIEQDLCKLLSPGFPKQPLRVYKFGSRITGIGNRSSDL
DLFVDIGNTFHTFEHRASNATVAKLRAMRKFFCDSEDWRLINFIEQARVPIIKTCHLPTGIECAICLNSMGFCNTNLLKY
IFESQPLTQYMCIYVKNWLERCKLTEQISTYSITLMVIYFLQLQALLPPIAMLQIEDAANQAVLVGPWVVNFAQKSFSEL
GLQQLKATVPVIKGFLRNFFAYFAKFDYEHFLVCPYIGQANVEIAKIERMLHARYSAYVSDNPECSIQLKKPMVVQDPIQ
LNHNVTKAVTKYGLQTFVDYCQQTAELLEEPSTNWRQRYAF
;
_entity_poly.pdbx_strand_id   A
#
loop_
_chem_comp.id
_chem_comp.type
_chem_comp.name
_chem_comp.formula
MG non-polymer 'MAGNESIUM ION' 'Mg 2'
UTP non-polymer 'URIDINE 5'-TRIPHOSPHATE' 'C9 H15 N2 O15 P3'
#
# COMPACT_ATOMS: atom_id res chain seq x y z
N MET A 2 25.90 0.48 15.98
CA MET A 2 26.33 1.53 16.89
C MET A 2 25.48 2.78 16.65
N GLN A 3 24.80 3.23 17.69
CA GLN A 3 23.81 4.31 17.56
C GLN A 3 24.43 5.70 17.47
N HIS A 4 25.72 5.83 17.74
CA HIS A 4 26.41 7.12 17.69
C HIS A 4 27.00 7.42 16.33
N ILE A 5 26.86 6.51 15.36
CA ILE A 5 27.41 6.64 14.01
C ILE A 5 26.26 6.56 13.02
N THR A 6 26.31 7.38 11.98
CA THR A 6 25.26 7.36 10.97
C THR A 6 25.50 6.19 10.02
N VAL A 7 24.41 5.51 9.65
CA VAL A 7 24.49 4.43 8.67
C VAL A 7 24.63 5.05 7.31
N ARG A 8 25.69 4.66 6.59
CA ARG A 8 26.01 5.28 5.31
C ARG A 8 25.03 4.82 4.23
N LEU A 9 24.61 5.77 3.42
CA LEU A 9 23.70 5.49 2.31
C LEU A 9 24.35 4.51 1.33
N PRO A 10 23.71 3.41 0.96
CA PRO A 10 24.36 2.47 0.03
C PRO A 10 24.71 3.16 -1.28
N LYS A 11 25.84 2.72 -1.86
CA LYS A 11 26.31 3.35 -3.08
C LYS A 11 25.27 3.26 -4.19
N LYS A 12 24.50 2.16 -4.20
CA LYS A 12 23.51 1.95 -5.23
C LYS A 12 22.42 3.01 -5.15
N ALA A 13 22.04 3.39 -3.92
CA ALA A 13 21.11 4.50 -3.75
C ALA A 13 21.77 5.83 -4.04
N ARG A 14 22.97 6.05 -3.52
CA ARG A 14 23.64 7.32 -3.74
C ARG A 14 23.77 7.64 -5.23
N ALA A 15 24.08 6.63 -6.05
CA ALA A 15 24.36 6.95 -7.44
C ALA A 15 23.10 7.45 -8.15
N MET A 16 21.95 6.92 -7.74
CA MET A 16 20.66 7.24 -8.37
C MET A 16 20.11 8.57 -7.91
N ILE A 17 20.39 8.94 -6.66
CA ILE A 17 19.88 10.21 -6.12
C ILE A 17 20.65 11.36 -6.72
N VAL A 18 21.98 11.33 -6.56
CA VAL A 18 22.84 12.36 -7.12
C VAL A 18 22.74 12.38 -8.64
N GLY A 19 22.35 11.26 -9.25
CA GLY A 19 22.02 11.26 -10.66
C GLY A 19 20.67 11.90 -10.92
N GLU A 20 20.50 12.39 -12.15
CA GLU A 20 19.33 13.17 -12.49
C GLU A 20 18.05 12.44 -12.11
N ILE A 21 17.10 13.19 -11.55
CA ILE A 21 15.76 12.67 -11.27
C ILE A 21 15.00 12.39 -12.56
N THR A 22 15.42 12.99 -13.67
CA THR A 22 14.80 12.69 -14.95
C THR A 22 14.99 11.23 -15.30
N ASN A 23 16.26 10.77 -15.29
CA ASN A 23 16.59 9.37 -15.54
C ASN A 23 15.81 8.43 -14.62
N VAL A 24 15.37 8.91 -13.47
CA VAL A 24 14.59 8.07 -12.57
C VAL A 24 13.17 7.86 -13.10
N PHE A 25 12.71 8.75 -13.98
CA PHE A 25 11.36 8.66 -14.52
C PHE A 25 11.31 8.52 -16.02
N LYS A 26 12.33 8.98 -16.75
CA LYS A 26 12.32 8.97 -18.20
C LYS A 26 11.48 7.79 -18.65
N ASP A 27 11.85 6.60 -18.21
CA ASP A 27 11.16 5.38 -18.56
C ASP A 27 10.15 4.91 -17.52
N LYS A 28 10.36 5.19 -16.22
CA LYS A 28 9.55 4.49 -15.21
C LYS A 28 8.12 4.97 -15.19
N TYR A 29 7.87 6.29 -15.37
CA TYR A 29 6.50 6.73 -15.21
C TYR A 29 5.65 6.27 -16.39
N PRO A 30 6.12 6.38 -17.63
CA PRO A 30 5.29 5.89 -18.74
C PRO A 30 5.02 4.41 -18.67
N ILE A 31 5.98 3.62 -18.17
CA ILE A 31 5.77 2.18 -18.01
C ILE A 31 4.69 1.92 -16.97
N ALA A 32 4.83 2.56 -15.81
CA ALA A 32 3.87 2.40 -14.72
C ALA A 32 2.47 2.80 -15.14
N ASP A 33 2.34 3.88 -15.92
CA ASP A 33 1.02 4.30 -16.37
C ASP A 33 0.42 3.28 -17.33
N LYS A 34 1.22 2.82 -18.29
CA LYS A 34 0.76 1.80 -19.23
C LYS A 34 0.30 0.55 -18.48
N LEU A 35 1.03 0.11 -17.46
CA LEU A 35 0.71 -1.13 -16.77
C LEU A 35 -0.55 -1.07 -15.90
N LYS A 36 -1.19 0.09 -15.75
CA LYS A 36 -2.50 0.10 -15.08
C LYS A 36 -3.53 -0.72 -15.82
N VAL A 37 -3.40 -0.83 -17.14
CA VAL A 37 -4.38 -1.54 -17.95
C VAL A 37 -3.68 -2.17 -19.14
N ILE A 38 -3.52 -3.49 -19.17
CA ILE A 38 -3.03 -4.13 -20.38
C ILE A 38 -3.84 -5.37 -20.65
N PRO A 39 -3.89 -5.83 -21.92
CA PRO A 39 -4.78 -6.95 -22.25
C PRO A 39 -4.43 -8.23 -21.52
N GLU A 40 -3.15 -8.43 -21.20
CA GLU A 40 -2.75 -9.60 -20.42
C GLU A 40 -3.59 -9.82 -19.17
N TYR A 41 -4.07 -8.75 -18.51
CA TYR A 41 -4.78 -8.94 -17.25
C TYR A 41 -6.13 -9.60 -17.47
N ASP A 42 -6.77 -9.33 -18.61
CA ASP A 42 -8.03 -9.98 -18.90
C ASP A 42 -7.84 -11.47 -19.15
N VAL A 43 -6.74 -11.81 -19.83
CA VAL A 43 -6.38 -13.22 -20.05
C VAL A 43 -6.17 -13.93 -18.72
N ILE A 44 -5.40 -13.31 -17.84
CA ILE A 44 -5.20 -13.87 -16.50
C ILE A 44 -6.53 -14.04 -15.78
N GLU A 45 -7.39 -13.02 -15.79
CA GLU A 45 -8.69 -13.10 -15.14
C GLU A 45 -9.49 -14.27 -15.68
N GLN A 46 -9.57 -14.38 -17.00
CA GLN A 46 -10.35 -15.46 -17.61
C GLN A 46 -9.78 -16.82 -17.25
N ASP A 47 -8.46 -16.98 -17.37
CA ASP A 47 -7.84 -18.26 -17.06
C ASP A 47 -8.07 -18.63 -15.59
N LEU A 48 -7.99 -17.65 -14.70
CA LEU A 48 -8.19 -17.92 -13.27
C LEU A 48 -9.61 -18.36 -12.98
N CYS A 49 -10.60 -17.69 -13.56
CA CYS A 49 -11.98 -18.12 -13.34
C CYS A 49 -12.23 -19.50 -13.92
N LYS A 50 -11.80 -19.74 -15.15
CA LYS A 50 -11.95 -21.06 -15.76
C LYS A 50 -11.32 -22.14 -14.89
N LEU A 51 -10.14 -21.86 -14.34
CA LEU A 51 -9.42 -22.83 -13.52
C LEU A 51 -10.20 -23.15 -12.24
N LEU A 52 -10.71 -22.12 -11.56
CA LEU A 52 -11.17 -22.30 -10.19
C LEU A 52 -12.66 -22.60 -10.05
N SER A 53 -13.51 -22.21 -11.00
CA SER A 53 -14.94 -22.44 -10.82
C SER A 53 -15.27 -23.89 -10.51
N PRO A 54 -14.81 -24.86 -11.29
CA PRO A 54 -15.14 -26.27 -10.99
C PRO A 54 -14.84 -26.68 -9.56
N GLY A 55 -13.81 -26.13 -8.94
CA GLY A 55 -13.49 -26.46 -7.56
C GLY A 55 -14.42 -25.85 -6.53
N PHE A 56 -15.30 -24.94 -6.94
CA PHE A 56 -16.23 -24.26 -6.04
C PHE A 56 -17.56 -24.12 -6.78
N PRO A 57 -18.19 -25.25 -7.09
CA PRO A 57 -19.10 -25.30 -8.25
C PRO A 57 -20.38 -24.50 -8.07
N LYS A 58 -20.95 -24.44 -6.88
CA LYS A 58 -22.22 -23.75 -6.66
C LYS A 58 -22.02 -22.36 -6.05
N GLN A 59 -20.85 -21.74 -6.26
CA GLN A 59 -20.57 -20.49 -5.57
C GLN A 59 -20.30 -19.36 -6.54
N PRO A 60 -20.76 -18.14 -6.26
CA PRO A 60 -20.29 -16.99 -7.03
C PRO A 60 -18.77 -16.88 -6.96
N LEU A 61 -18.15 -16.39 -8.04
CA LEU A 61 -16.71 -16.18 -8.03
C LEU A 61 -16.34 -14.94 -8.84
N ARG A 62 -15.52 -14.09 -8.26
CA ARG A 62 -15.14 -12.82 -8.90
C ARG A 62 -13.67 -12.60 -8.62
N VAL A 63 -12.95 -12.06 -9.61
CA VAL A 63 -11.53 -11.73 -9.47
C VAL A 63 -11.40 -10.21 -9.45
N TYR A 64 -10.62 -9.71 -8.52
CA TYR A 64 -10.38 -8.30 -8.31
C TYR A 64 -8.89 -8.07 -8.42
N LYS A 65 -8.46 -7.22 -9.33
CA LYS A 65 -7.04 -6.93 -9.44
C LYS A 65 -6.68 -5.76 -8.56
N PHE A 66 -5.50 -5.82 -7.92
CA PHE A 66 -5.08 -4.71 -7.07
C PHE A 66 -3.55 -4.62 -7.08
N GLY A 67 -3.02 -3.75 -6.20
CA GLY A 67 -1.58 -3.61 -6.02
C GLY A 67 -0.98 -2.63 -7.01
N SER A 68 0.37 -2.62 -7.08
CA SER A 68 1.07 -1.50 -7.73
C SER A 68 0.77 -1.41 -9.24
N ARG A 69 0.59 -2.54 -9.92
CA ARG A 69 0.28 -2.45 -11.35
C ARG A 69 -0.98 -1.64 -11.53
N ILE A 70 -1.99 -1.90 -10.71
CA ILE A 70 -3.31 -1.29 -10.90
C ILE A 70 -3.32 0.18 -10.48
N THR A 71 -2.58 0.54 -9.43
CA THR A 71 -2.53 1.93 -8.98
C THR A 71 -1.65 2.81 -9.87
N GLY A 72 -0.68 2.23 -10.58
CA GLY A 72 0.18 3.01 -11.47
C GLY A 72 1.58 3.28 -10.94
N ILE A 73 2.11 2.40 -10.09
CA ILE A 73 3.50 2.52 -9.70
C ILE A 73 4.28 1.21 -9.93
N GLY A 74 3.77 0.34 -10.82
CA GLY A 74 4.43 -0.91 -11.14
C GLY A 74 5.47 -0.80 -12.24
N ASN A 75 6.23 -1.89 -12.39
CA ASN A 75 7.17 -2.05 -13.50
C ASN A 75 7.00 -3.47 -14.04
N ARG A 76 7.75 -3.81 -15.09
CA ARG A 76 7.48 -5.04 -15.81
C ARG A 76 7.73 -6.27 -14.93
N SER A 77 8.55 -6.15 -13.89
CA SER A 77 8.85 -7.27 -13.01
C SER A 77 7.91 -7.34 -11.80
N SER A 78 6.98 -6.41 -11.67
CA SER A 78 6.05 -6.39 -10.55
C SER A 78 5.10 -7.59 -10.63
N ASP A 79 4.75 -8.12 -9.46
CA ASP A 79 3.65 -9.08 -9.42
C ASP A 79 2.32 -8.38 -9.74
N LEU A 80 1.32 -9.20 -10.03
CA LEU A 80 -0.06 -8.78 -10.14
C LEU A 80 -0.80 -9.36 -8.96
N ASP A 81 -1.30 -8.49 -8.09
CA ASP A 81 -2.02 -8.91 -6.90
C ASP A 81 -3.49 -9.14 -7.23
N LEU A 82 -4.02 -10.28 -6.79
CA LEU A 82 -5.37 -10.69 -7.16
C LEU A 82 -6.12 -11.16 -5.92
N PHE A 83 -7.33 -10.65 -5.76
CA PHE A 83 -8.26 -11.08 -4.72
C PHE A 83 -9.34 -11.92 -5.41
N VAL A 84 -9.46 -13.17 -5.00
CA VAL A 84 -10.49 -14.06 -5.53
C VAL A 84 -11.58 -14.14 -4.48
N ASP A 85 -12.78 -13.71 -4.85
CA ASP A 85 -13.90 -13.68 -3.93
C ASP A 85 -14.78 -14.88 -4.27
N ILE A 86 -14.79 -15.87 -3.37
CA ILE A 86 -15.57 -17.09 -3.56
C ILE A 86 -16.69 -17.04 -2.54
N GLY A 87 -17.94 -16.95 -3.00
CA GLY A 87 -19.07 -16.98 -2.10
C GLY A 87 -19.32 -15.70 -1.30
N ASN A 88 -19.13 -14.55 -1.91
CA ASN A 88 -19.44 -13.25 -1.28
C ASN A 88 -18.77 -13.06 0.08
N THR A 89 -17.46 -13.13 0.06
CA THR A 89 -16.68 -12.86 1.25
C THR A 89 -16.17 -11.45 1.30
N PHE A 90 -16.43 -10.62 0.27
CA PHE A 90 -15.85 -9.29 0.16
C PHE A 90 -15.99 -8.50 1.46
N HIS A 91 -17.14 -8.58 2.11
CA HIS A 91 -17.44 -7.71 3.25
C HIS A 91 -17.14 -8.34 4.58
N THR A 92 -16.43 -9.45 4.58
CA THR A 92 -16.06 -10.15 5.81
C THR A 92 -14.61 -9.82 6.16
N PHE A 93 -14.39 -9.32 7.37
CA PHE A 93 -13.05 -8.97 7.82
C PHE A 93 -12.45 -10.13 8.60
N GLU A 94 -11.21 -10.49 8.27
CA GLU A 94 -10.47 -11.53 8.99
C GLU A 94 -9.10 -10.97 9.38
N HIS A 95 -8.94 -10.61 10.65
CA HIS A 95 -7.68 -10.07 11.16
C HIS A 95 -6.53 -11.01 10.80
N ARG A 96 -6.67 -12.27 11.17
CA ARG A 96 -5.92 -13.40 10.69
C ARG A 96 -6.87 -14.38 10.03
N ALA A 97 -6.39 -15.08 9.00
CA ALA A 97 -7.29 -15.89 8.19
C ALA A 97 -7.93 -16.98 9.02
N SER A 98 -9.20 -17.26 8.71
CA SER A 98 -9.93 -18.35 9.34
C SER A 98 -9.48 -19.68 8.80
N ASN A 99 -9.81 -20.74 9.55
CA ASN A 99 -9.58 -22.08 9.05
C ASN A 99 -10.31 -22.30 7.74
N ALA A 100 -11.49 -21.71 7.58
CA ALA A 100 -12.24 -21.86 6.32
C ALA A 100 -11.51 -21.22 5.16
N THR A 101 -10.98 -20.02 5.37
CA THR A 101 -10.15 -19.38 4.37
C THR A 101 -8.93 -20.21 4.02
N VAL A 102 -8.21 -20.71 5.03
CA VAL A 102 -7.03 -21.52 4.74
C VAL A 102 -7.41 -22.78 3.97
N ALA A 103 -8.54 -23.39 4.31
CA ALA A 103 -9.00 -24.55 3.55
C ALA A 103 -9.20 -24.21 2.08
N LYS A 104 -9.83 -23.07 1.78
CA LYS A 104 -10.06 -22.69 0.40
C LYS A 104 -8.76 -22.45 -0.32
N LEU A 105 -7.84 -21.76 0.32
CA LEU A 105 -6.52 -21.55 -0.28
C LEU A 105 -5.79 -22.87 -0.50
N ARG A 106 -5.85 -23.79 0.45
CA ARG A 106 -5.22 -25.08 0.22
C ARG A 106 -5.81 -25.78 -0.98
N ALA A 107 -7.13 -25.76 -1.10
CA ALA A 107 -7.80 -26.38 -2.23
C ALA A 107 -7.32 -25.76 -3.53
N MET A 108 -7.11 -24.43 -3.52
CA MET A 108 -6.73 -23.72 -4.73
C MET A 108 -5.33 -24.13 -5.18
N ARG A 109 -4.44 -24.40 -4.22
CA ARG A 109 -3.08 -24.82 -4.54
C ARG A 109 -3.04 -25.94 -5.57
N LYS A 110 -3.83 -27.01 -5.36
CA LYS A 110 -3.75 -28.15 -6.27
C LYS A 110 -4.12 -27.77 -7.69
N PHE A 111 -5.08 -26.86 -7.87
CA PHE A 111 -5.48 -26.49 -9.22
C PHE A 111 -4.31 -25.88 -9.98
N PHE A 112 -3.56 -24.99 -9.33
CA PHE A 112 -2.40 -24.38 -9.96
C PHE A 112 -1.30 -25.41 -10.22
N CYS A 113 -1.07 -26.31 -9.26
CA CYS A 113 -0.08 -27.36 -9.46
C CYS A 113 -0.41 -28.17 -10.70
N ASP A 114 -1.66 -28.63 -10.83
CA ASP A 114 -2.02 -29.56 -11.90
C ASP A 114 -2.15 -28.89 -13.26
N SER A 115 -2.40 -27.58 -13.31
CA SER A 115 -2.60 -26.90 -14.59
C SER A 115 -1.26 -26.71 -15.29
N GLU A 116 -1.28 -26.94 -16.59
CA GLU A 116 -0.12 -26.66 -17.43
C GLU A 116 0.13 -25.16 -17.56
N ASP A 117 -0.91 -24.33 -17.38
CA ASP A 117 -0.82 -22.89 -17.57
C ASP A 117 -0.27 -22.14 -16.37
N TRP A 118 0.02 -22.81 -15.25
CA TRP A 118 0.46 -22.15 -14.03
C TRP A 118 1.64 -22.90 -13.44
N ARG A 119 2.62 -22.15 -12.96
CA ARG A 119 3.72 -22.69 -12.15
C ARG A 119 3.50 -22.20 -10.73
N LEU A 120 3.25 -23.14 -9.82
CA LEU A 120 3.15 -22.78 -8.41
C LEU A 120 4.54 -22.38 -7.90
N ILE A 121 4.66 -21.18 -7.38
CA ILE A 121 5.94 -20.68 -6.87
C ILE A 121 6.07 -20.92 -5.38
N ASN A 122 5.01 -20.65 -4.63
CA ASN A 122 5.05 -20.69 -3.19
C ASN A 122 3.64 -20.61 -2.66
N PHE A 123 3.39 -21.36 -1.60
CA PHE A 123 2.14 -21.37 -0.84
C PHE A 123 2.49 -20.86 0.54
N ILE A 124 2.10 -19.65 0.87
CA ILE A 124 2.45 -19.01 2.13
C ILE A 124 1.21 -18.99 3.01
N GLU A 125 1.19 -19.83 4.03
CA GLU A 125 0.02 -20.03 4.87
C GLU A 125 0.09 -19.30 6.20
N GLN A 126 1.30 -19.09 6.76
CA GLN A 126 1.44 -18.55 8.11
C GLN A 126 1.24 -17.05 8.19
N ALA A 127 1.22 -16.36 7.06
CA ALA A 127 1.19 -14.90 7.01
C ALA A 127 -0.16 -14.33 7.50
N ARG A 128 -0.13 -13.04 7.86
CA ARG A 128 -1.37 -12.31 8.14
C ARG A 128 -2.37 -12.53 7.02
N VAL A 129 -1.93 -12.31 5.77
CA VAL A 129 -2.74 -12.55 4.59
C VAL A 129 -2.10 -13.71 3.84
N PRO A 130 -2.62 -14.92 4.00
CA PRO A 130 -2.05 -16.05 3.25
C PRO A 130 -2.19 -15.82 1.75
N ILE A 131 -1.18 -16.24 0.98
CA ILE A 131 -1.22 -16.01 -0.45
C ILE A 131 -0.64 -17.20 -1.18
N ILE A 132 -1.10 -17.36 -2.41
CA ILE A 132 -0.55 -18.29 -3.37
C ILE A 132 0.24 -17.47 -4.38
N LYS A 133 1.54 -17.74 -4.52
CA LYS A 133 2.34 -17.09 -5.56
C LYS A 133 2.47 -18.07 -6.71
N THR A 134 2.09 -17.62 -7.91
CA THR A 134 2.03 -18.51 -9.05
C THR A 134 2.26 -17.71 -10.32
N CYS A 135 3.04 -18.27 -11.23
CA CYS A 135 3.32 -17.63 -12.50
C CYS A 135 2.28 -18.07 -13.53
N HIS A 136 1.64 -17.08 -14.14
CA HIS A 136 0.75 -17.35 -15.27
C HIS A 136 1.62 -17.52 -16.50
N LEU A 137 1.75 -18.77 -16.98
CA LEU A 137 2.80 -19.07 -17.93
C LEU A 137 2.55 -18.43 -19.29
N PRO A 138 1.30 -18.34 -19.77
CA PRO A 138 1.09 -17.70 -21.08
C PRO A 138 1.56 -16.25 -21.14
N THR A 139 1.45 -15.49 -20.05
CA THR A 139 1.90 -14.10 -20.04
C THR A 139 3.24 -13.90 -19.35
N GLY A 140 3.66 -14.83 -18.49
CA GLY A 140 4.86 -14.63 -17.71
C GLY A 140 4.70 -13.76 -16.49
N ILE A 141 3.46 -13.38 -16.13
CA ILE A 141 3.25 -12.46 -15.01
C ILE A 141 3.06 -13.26 -13.73
N GLU A 142 3.80 -12.89 -12.69
CA GLU A 142 3.70 -13.52 -11.38
C GLU A 142 2.48 -12.98 -10.66
N CYS A 143 1.60 -13.87 -10.22
CA CYS A 143 0.35 -13.51 -9.58
C CYS A 143 0.44 -13.87 -8.10
N ALA A 144 -0.05 -12.97 -7.25
CA ALA A 144 -0.06 -13.12 -5.80
C ALA A 144 -1.55 -13.12 -5.44
N ILE A 145 -2.08 -14.30 -5.14
CA ILE A 145 -3.52 -14.51 -5.03
C ILE A 145 -3.89 -14.64 -3.55
N CYS A 146 -4.88 -13.86 -3.12
CA CYS A 146 -5.34 -13.93 -1.75
C CYS A 146 -6.85 -13.93 -1.69
N LEU A 147 -7.38 -14.17 -0.48
CA LEU A 147 -8.80 -14.27 -0.24
C LEU A 147 -9.31 -13.18 0.70
N ASN A 148 -8.65 -12.02 0.67
CA ASN A 148 -8.83 -10.91 1.61
C ASN A 148 -9.04 -9.64 0.78
N SER A 149 -10.19 -8.97 0.95
CA SER A 149 -10.56 -7.82 0.09
C SER A 149 -9.90 -6.50 0.45
N MET A 150 -9.20 -6.43 1.59
CA MET A 150 -8.83 -5.10 2.07
C MET A 150 -7.82 -4.45 1.13
N GLY A 151 -6.89 -5.21 0.53
CA GLY A 151 -5.92 -4.57 -0.35
C GLY A 151 -6.57 -3.98 -1.58
N PHE A 152 -7.54 -4.68 -2.13
CA PHE A 152 -8.28 -4.13 -3.24
C PHE A 152 -8.95 -2.83 -2.84
N CYS A 153 -9.50 -2.78 -1.63
CA CYS A 153 -10.15 -1.57 -1.18
C CYS A 153 -9.16 -0.40 -1.09
N ASN A 154 -7.97 -0.62 -0.50
CA ASN A 154 -7.05 0.52 -0.42
C ASN A 154 -6.42 0.83 -1.77
N THR A 155 -6.36 -0.14 -2.68
CA THR A 155 -5.92 0.12 -4.05
C THR A 155 -6.84 1.13 -4.75
N ASN A 156 -8.15 0.98 -4.59
CA ASN A 156 -9.06 1.94 -5.22
C ASN A 156 -8.88 3.34 -4.62
N LEU A 157 -8.62 3.41 -3.32
CA LEU A 157 -8.30 4.70 -2.71
C LEU A 157 -7.00 5.29 -3.29
N LEU A 158 -5.95 4.49 -3.39
CA LEU A 158 -4.71 5.05 -3.98
C LEU A 158 -4.91 5.48 -5.42
N LYS A 159 -5.64 4.70 -6.20
CA LYS A 159 -5.88 5.08 -7.59
C LYS A 159 -6.56 6.43 -7.68
N TYR A 160 -7.55 6.69 -6.82
CA TYR A 160 -8.21 8.00 -6.83
C TYR A 160 -7.22 9.09 -6.46
N ILE A 161 -6.42 8.84 -5.42
CA ILE A 161 -5.43 9.83 -4.98
C ILE A 161 -4.43 10.09 -6.10
N PHE A 162 -3.89 9.03 -6.72
CA PHE A 162 -2.85 9.24 -7.75
C PHE A 162 -3.42 9.97 -8.96
N GLU A 163 -4.63 9.60 -9.40
CA GLU A 163 -5.23 10.23 -10.56
C GLU A 163 -5.59 11.68 -10.29
N SER A 164 -6.01 11.99 -9.05
CA SER A 164 -6.37 13.37 -8.69
C SER A 164 -5.15 14.26 -8.52
N GLN A 165 -4.05 13.70 -8.02
CA GLN A 165 -2.86 14.45 -7.67
C GLN A 165 -1.66 13.66 -8.14
N PRO A 166 -1.36 13.67 -9.44
CA PRO A 166 -0.32 12.80 -10.01
C PRO A 166 1.05 12.94 -9.39
N LEU A 167 1.40 14.11 -8.85
CA LEU A 167 2.65 14.25 -8.09
C LEU A 167 2.83 13.09 -7.12
N THR A 168 1.74 12.71 -6.45
CA THR A 168 1.78 11.59 -5.54
C THR A 168 2.36 10.32 -6.20
N GLN A 169 1.89 10.01 -7.41
CA GLN A 169 2.31 8.79 -8.08
C GLN A 169 3.79 8.84 -8.47
N TYR A 170 4.24 9.98 -8.99
CA TYR A 170 5.66 10.16 -9.30
C TYR A 170 6.52 9.97 -8.06
N MET A 171 6.13 10.60 -6.95
CA MET A 171 6.86 10.42 -5.70
C MET A 171 6.89 8.96 -5.26
N CYS A 172 5.77 8.23 -5.37
CA CYS A 172 5.79 6.84 -4.94
C CYS A 172 6.68 5.97 -5.82
N ILE A 173 6.70 6.22 -7.13
CA ILE A 173 7.62 5.49 -8.00
C ILE A 173 9.05 5.76 -7.56
N TYR A 174 9.38 7.01 -7.27
CA TYR A 174 10.73 7.34 -6.83
C TYR A 174 11.08 6.64 -5.53
N VAL A 175 10.22 6.78 -4.52
CA VAL A 175 10.56 6.29 -3.19
C VAL A 175 10.55 4.76 -3.17
N LYS A 176 9.70 4.12 -3.99
CA LYS A 176 9.74 2.67 -4.16
C LYS A 176 11.11 2.21 -4.67
N ASN A 177 11.65 2.88 -5.68
CA ASN A 177 12.95 2.52 -6.23
C ASN A 177 14.06 2.80 -5.20
N TRP A 178 13.95 3.92 -4.49
CA TRP A 178 14.89 4.26 -3.44
C TRP A 178 14.95 3.19 -2.35
N LEU A 179 13.78 2.71 -1.92
CA LEU A 179 13.72 1.66 -0.91
C LEU A 179 14.45 0.42 -1.39
N GLU A 180 14.27 0.08 -2.67
CA GLU A 180 14.91 -1.09 -3.21
C GLU A 180 16.43 -0.89 -3.25
N ARG A 181 16.88 0.26 -3.74
CA ARG A 181 18.32 0.51 -3.79
C ARG A 181 18.95 0.61 -2.40
N CYS A 182 18.18 1.05 -1.41
CA CYS A 182 18.67 1.13 -0.03
C CYS A 182 18.63 -0.23 0.68
N LYS A 183 18.07 -1.25 0.03
CA LYS A 183 17.92 -2.57 0.60
C LYS A 183 17.11 -2.52 1.91
N LEU A 184 16.00 -1.76 1.90
CA LEU A 184 15.14 -1.63 3.07
C LEU A 184 13.86 -2.43 3.00
N THR A 185 13.66 -3.23 1.94
CA THR A 185 12.33 -3.81 1.70
C THR A 185 11.98 -4.92 2.69
N GLU A 186 12.94 -5.51 3.39
CA GLU A 186 12.60 -6.54 4.38
C GLU A 186 11.70 -5.96 5.48
N GLN A 187 11.90 -4.70 5.83
CA GLN A 187 11.11 -4.09 6.89
C GLN A 187 10.10 -3.06 6.43
N ILE A 188 10.36 -2.31 5.36
CA ILE A 188 9.44 -1.27 4.89
C ILE A 188 8.94 -1.68 3.50
N SER A 189 7.64 -1.88 3.37
CA SER A 189 7.03 -2.36 2.13
C SER A 189 6.75 -1.20 1.18
N THR A 190 6.52 -1.52 -0.08
CA THR A 190 6.05 -0.51 -1.03
C THR A 190 4.82 0.22 -0.52
N TYR A 191 3.88 -0.52 0.00
CA TYR A 191 2.64 0.09 0.47
C TYR A 191 2.88 0.98 1.67
N SER A 192 3.78 0.60 2.59
CA SER A 192 4.09 1.48 3.72
C SER A 192 4.57 2.84 3.24
N ILE A 193 5.48 2.87 2.26
CA ILE A 193 6.07 4.13 1.86
C ILE A 193 5.07 4.96 1.05
N THR A 194 4.15 4.28 0.36
CA THR A 194 3.04 4.95 -0.30
C THR A 194 2.21 5.73 0.72
N LEU A 195 1.89 5.09 1.85
CA LEU A 195 1.12 5.81 2.87
C LEU A 195 1.90 6.99 3.45
N MET A 196 3.23 6.87 3.54
CA MET A 196 4.04 8.00 4.02
C MET A 196 4.01 9.17 3.05
N VAL A 197 4.13 8.89 1.75
CA VAL A 197 3.99 9.96 0.75
C VAL A 197 2.62 10.62 0.88
N ILE A 198 1.56 9.81 0.98
CA ILE A 198 0.21 10.36 1.10
C ILE A 198 0.11 11.27 2.32
N TYR A 199 0.57 10.79 3.47
CA TYR A 199 0.50 11.61 4.69
C TYR A 199 1.28 12.90 4.53
N PHE A 200 2.50 12.81 3.98
CA PHE A 200 3.28 14.02 3.77
C PHE A 200 2.52 15.04 2.93
N LEU A 201 1.89 14.60 1.85
CA LEU A 201 1.20 15.55 0.98
C LEU A 201 -0.08 16.10 1.58
N GLN A 202 -0.74 15.33 2.45
CA GLN A 202 -1.86 15.84 3.22
C GLN A 202 -1.43 17.02 4.07
N LEU A 203 -0.22 16.94 4.63
CA LEU A 203 0.26 18.03 5.44
C LEU A 203 0.56 19.26 4.61
N GLN A 204 0.77 19.12 3.30
CA GLN A 204 0.94 20.24 2.38
C GLN A 204 -0.38 20.73 1.83
N ALA A 205 -1.51 20.23 2.34
CA ALA A 205 -2.83 20.55 1.83
C ALA A 205 -3.01 20.17 0.37
N LEU A 206 -2.31 19.12 -0.10
CA LEU A 206 -2.46 18.67 -1.47
C LEU A 206 -3.26 17.38 -1.57
N LEU A 207 -3.65 16.80 -0.44
CA LEU A 207 -4.46 15.58 -0.39
C LEU A 207 -5.39 15.70 0.80
N PRO A 208 -6.58 15.11 0.72
CA PRO A 208 -7.51 15.24 1.83
C PRO A 208 -7.20 14.19 2.89
N PRO A 209 -7.52 14.45 4.16
CA PRO A 209 -7.62 13.33 5.11
C PRO A 209 -8.62 12.29 4.62
N ILE A 210 -8.32 11.00 4.85
CA ILE A 210 -9.26 9.96 4.43
C ILE A 210 -10.55 10.07 5.25
N ALA A 211 -10.44 10.45 6.53
CA ALA A 211 -11.63 10.61 7.37
C ALA A 211 -12.62 11.58 6.74
N MET A 212 -12.12 12.62 6.08
CA MET A 212 -13.00 13.61 5.49
C MET A 212 -13.73 13.06 4.28
N LEU A 213 -13.19 12.04 3.63
CA LEU A 213 -13.88 11.42 2.50
C LEU A 213 -14.94 10.42 2.95
N GLN A 214 -15.02 10.15 4.25
CA GLN A 214 -15.82 9.06 4.79
C GLN A 214 -16.88 9.54 5.77
N ILE A 215 -17.30 10.79 5.60
CA ILE A 215 -18.44 11.30 6.38
C ILE A 215 -19.66 10.42 6.15
N GLU A 216 -20.35 10.07 7.22
CA GLU A 216 -21.56 9.26 7.13
C GLU A 216 -22.71 10.17 7.49
N ASP A 217 -23.57 10.44 6.53
CA ASP A 217 -24.70 11.33 6.75
C ASP A 217 -25.86 10.82 5.91
N ALA A 218 -26.87 11.65 5.70
CA ALA A 218 -28.01 11.21 4.91
C ALA A 218 -27.62 10.89 3.48
N ALA A 219 -26.60 11.56 2.94
CA ALA A 219 -26.29 11.38 1.53
C ALA A 219 -25.30 10.27 1.28
N ASN A 220 -24.52 9.89 2.29
CA ASN A 220 -23.41 8.96 2.12
C ASN A 220 -23.47 7.91 3.23
N GLN A 221 -23.52 6.64 2.83
CA GLN A 221 -23.47 5.51 3.75
C GLN A 221 -22.19 4.73 3.55
N ALA A 222 -21.72 4.11 4.63
CA ALA A 222 -20.49 3.37 4.58
C ALA A 222 -20.66 2.00 3.94
N VAL A 223 -19.70 1.63 3.09
CA VAL A 223 -19.45 0.24 2.72
C VAL A 223 -18.57 -0.32 3.80
N LEU A 224 -19.02 -1.39 4.46
CA LEU A 224 -18.27 -1.97 5.58
C LEU A 224 -17.70 -3.35 5.25
N VAL A 225 -16.43 -3.52 5.60
CA VAL A 225 -15.77 -4.81 5.67
C VAL A 225 -15.46 -5.02 7.14
N GLY A 226 -16.22 -5.89 7.80
CA GLY A 226 -16.28 -5.91 9.24
C GLY A 226 -16.50 -4.50 9.75
N PRO A 227 -15.62 -4.03 10.64
CA PRO A 227 -15.76 -2.67 11.20
C PRO A 227 -15.17 -1.56 10.36
N TRP A 228 -14.53 -1.86 9.23
CA TRP A 228 -13.78 -0.86 8.45
C TRP A 228 -14.65 -0.25 7.38
N VAL A 229 -14.54 1.06 7.24
CA VAL A 229 -15.21 1.82 6.19
C VAL A 229 -14.27 1.83 5.00
N VAL A 230 -14.69 1.21 3.89
CA VAL A 230 -13.78 0.96 2.77
C VAL A 230 -14.12 1.80 1.56
N ASN A 231 -15.25 2.48 1.54
CA ASN A 231 -15.56 3.40 0.45
C ASN A 231 -15.17 4.80 0.87
N PHE A 232 -15.38 5.72 -0.06
CA PHE A 232 -14.97 7.11 0.17
C PHE A 232 -15.64 7.93 -0.89
N ALA A 233 -15.92 9.17 -0.55
CA ALA A 233 -16.51 10.10 -1.49
C ALA A 233 -15.49 10.41 -2.58
N GLN A 234 -15.91 10.29 -3.83
CA GLN A 234 -15.03 10.51 -4.98
C GLN A 234 -15.13 11.95 -5.45
N LYS A 235 -14.92 12.91 -4.54
CA LYS A 235 -15.13 14.31 -4.87
C LYS A 235 -14.00 14.78 -5.76
N SER A 236 -14.32 15.64 -6.73
CA SER A 236 -13.28 16.35 -7.46
C SER A 236 -12.42 17.13 -6.46
N PHE A 237 -11.15 17.30 -6.79
CA PHE A 237 -10.31 18.11 -5.92
C PHE A 237 -10.74 19.55 -6.00
N SER A 238 -11.37 19.94 -7.11
CA SER A 238 -11.93 21.28 -7.22
C SER A 238 -13.05 21.45 -6.21
N GLU A 239 -13.90 20.44 -6.06
CA GLU A 239 -14.94 20.51 -5.03
C GLU A 239 -14.34 20.44 -3.64
N LEU A 240 -13.27 19.66 -3.47
CA LEU A 240 -12.57 19.60 -2.19
C LEU A 240 -11.80 20.89 -1.87
N GLY A 241 -11.58 21.76 -2.84
CA GLY A 241 -10.79 22.96 -2.58
C GLY A 241 -9.30 22.72 -2.48
N LEU A 242 -8.77 21.68 -3.13
CA LEU A 242 -7.35 21.37 -3.14
C LEU A 242 -6.80 21.62 -4.52
N GLN A 243 -5.66 22.30 -4.61
CA GLN A 243 -5.11 22.53 -5.93
C GLN A 243 -4.45 21.26 -6.45
N GLN A 244 -4.46 21.16 -7.78
CA GLN A 244 -3.95 20.02 -8.50
C GLN A 244 -2.73 20.48 -9.31
N LEU A 245 -1.56 19.95 -8.98
CA LEU A 245 -0.32 20.39 -9.61
C LEU A 245 0.02 19.57 -10.86
N LYS A 246 0.72 20.22 -11.77
CA LYS A 246 1.42 19.54 -12.84
C LYS A 246 2.79 19.12 -12.31
N ALA A 247 3.07 17.82 -12.37
CA ALA A 247 4.34 17.30 -11.89
C ALA A 247 5.38 17.55 -12.97
N THR A 248 6.33 18.42 -12.67
CA THR A 248 7.51 18.61 -13.47
C THR A 248 8.71 18.12 -12.68
N VAL A 249 9.84 17.97 -13.36
CA VAL A 249 11.05 17.52 -12.69
C VAL A 249 11.41 18.44 -11.53
N PRO A 250 11.50 19.76 -11.72
CA PRO A 250 11.76 20.66 -10.57
C PRO A 250 10.78 20.51 -9.44
N VAL A 251 9.49 20.34 -9.76
CA VAL A 251 8.48 20.23 -8.72
C VAL A 251 8.67 18.94 -7.94
N ILE A 252 8.88 17.84 -8.65
CA ILE A 252 9.04 16.56 -7.98
C ILE A 252 10.28 16.60 -7.10
N LYS A 253 11.39 17.11 -7.64
CA LYS A 253 12.62 17.14 -6.87
C LYS A 253 12.45 17.90 -5.57
N GLY A 254 11.76 19.06 -5.63
CA GLY A 254 11.50 19.84 -4.43
C GLY A 254 10.66 19.09 -3.41
N PHE A 255 9.56 18.46 -3.86
CA PHE A 255 8.74 17.72 -2.89
C PHE A 255 9.48 16.52 -2.33
N LEU A 256 10.32 15.87 -3.12
CA LEU A 256 11.08 14.73 -2.61
C LEU A 256 12.09 15.15 -1.55
N ARG A 257 12.80 16.28 -1.75
CA ARG A 257 13.74 16.72 -0.72
C ARG A 257 13.01 16.96 0.59
N ASN A 258 11.85 17.61 0.52
CA ASN A 258 11.10 17.92 1.73
C ASN A 258 10.55 16.64 2.36
N PHE A 259 10.15 15.67 1.54
CA PHE A 259 9.68 14.39 2.06
C PHE A 259 10.74 13.73 2.92
N PHE A 260 11.96 13.57 2.35
CA PHE A 260 13.01 12.89 3.08
C PHE A 260 13.44 13.72 4.28
N ALA A 261 13.47 15.04 4.14
CA ALA A 261 13.80 15.89 5.27
C ALA A 261 12.77 15.72 6.39
N TYR A 262 11.49 15.67 6.03
CA TYR A 262 10.45 15.48 7.03
C TYR A 262 10.61 14.16 7.78
N PHE A 263 10.78 13.05 7.07
CA PHE A 263 10.86 11.78 7.78
C PHE A 263 12.21 11.56 8.43
N ALA A 264 13.23 12.32 8.03
CA ALA A 264 14.50 12.32 8.75
C ALA A 264 14.33 12.84 10.17
N LYS A 265 13.48 13.84 10.39
CA LYS A 265 13.36 14.51 11.68
C LYS A 265 12.06 14.18 12.43
N PHE A 266 11.22 13.31 11.87
CA PHE A 266 9.97 12.90 12.49
C PHE A 266 10.24 12.24 13.84
N ASP A 267 9.36 12.49 14.83
CA ASP A 267 9.49 11.92 16.18
C ASP A 267 8.67 10.64 16.24
N TYR A 268 9.31 9.52 15.88
CA TYR A 268 8.63 8.22 15.85
C TYR A 268 8.29 7.69 17.23
N GLU A 269 8.95 8.23 18.28
CA GLU A 269 8.66 7.78 19.64
C GLU A 269 7.30 8.21 20.15
N HIS A 270 6.81 9.38 19.73
CA HIS A 270 5.53 9.89 20.21
C HIS A 270 4.43 10.04 19.17
N PHE A 271 4.76 10.07 17.88
CA PHE A 271 3.78 10.33 16.83
C PHE A 271 3.75 9.21 15.81
N LEU A 272 2.64 9.12 15.06
CA LEU A 272 2.50 8.12 14.03
C LEU A 272 2.16 8.76 12.69
N VAL A 273 2.48 8.04 11.62
CA VAL A 273 2.04 8.48 10.30
C VAL A 273 0.58 8.06 10.17
N CYS A 274 -0.31 9.03 9.91
CA CYS A 274 -1.74 8.83 10.10
C CYS A 274 -2.54 9.44 8.95
N PRO A 275 -2.54 8.78 7.79
CA PRO A 275 -3.33 9.29 6.66
C PRO A 275 -4.83 9.32 6.91
N TYR A 276 -5.36 8.53 7.87
CA TYR A 276 -6.77 8.67 8.22
C TYR A 276 -7.08 10.09 8.71
N ILE A 277 -6.33 10.55 9.72
CA ILE A 277 -6.57 11.89 10.26
C ILE A 277 -6.00 12.98 9.33
N GLY A 278 -4.87 12.72 8.69
CA GLY A 278 -4.37 13.65 7.71
C GLY A 278 -3.92 14.98 8.27
N GLN A 279 -3.55 15.04 9.55
CA GLN A 279 -3.03 16.28 10.14
C GLN A 279 -1.69 16.02 10.81
N ALA A 280 -0.97 17.09 11.06
CA ALA A 280 0.33 17.02 11.71
C ALA A 280 0.22 16.56 13.17
N ASN A 281 1.28 15.90 13.65
CA ASN A 281 1.51 15.62 15.06
C ASN A 281 0.36 14.81 15.69
N VAL A 282 0.05 13.66 15.09
CA VAL A 282 -0.94 12.75 15.68
C VAL A 282 -0.23 11.87 16.70
N GLU A 283 -0.62 12.01 17.97
CA GLU A 283 0.07 11.35 19.07
C GLU A 283 -0.28 9.87 19.15
N ILE A 284 0.74 9.03 19.30
CA ILE A 284 0.52 7.63 19.59
C ILE A 284 -0.37 7.48 20.81
N ALA A 285 -0.18 8.34 21.80
CA ALA A 285 -0.93 8.26 23.06
C ALA A 285 -2.41 8.54 22.89
N LYS A 286 -2.82 9.11 21.76
CA LYS A 286 -4.17 9.58 21.61
C LYS A 286 -4.92 8.98 20.41
N ILE A 287 -4.26 8.23 19.54
CA ILE A 287 -4.91 7.89 18.28
C ILE A 287 -6.14 7.02 18.50
N GLU A 288 -6.08 6.09 19.47
CA GLU A 288 -7.18 5.13 19.56
C GLU A 288 -8.48 5.78 20.01
N ARG A 289 -8.41 6.89 20.73
CA ARG A 289 -9.63 7.62 21.12
C ARG A 289 -10.18 8.51 20.02
N MET A 290 -9.44 8.67 18.92
CA MET A 290 -9.82 9.56 17.83
C MET A 290 -10.46 8.81 16.69
N LEU A 291 -10.56 7.49 16.78
CA LEU A 291 -11.08 6.68 15.68
C LEU A 291 -12.59 6.54 15.80
N HIS A 292 -13.20 5.98 14.77
CA HIS A 292 -14.66 5.91 14.80
C HIS A 292 -15.12 4.85 15.81
N ALA A 293 -16.39 4.98 16.21
CA ALA A 293 -16.95 4.12 17.24
C ALA A 293 -16.87 2.64 16.88
N ARG A 294 -16.89 2.30 15.59
CA ARG A 294 -16.78 0.89 15.25
C ARG A 294 -15.45 0.32 15.66
N TYR A 295 -14.40 1.15 15.62
CA TYR A 295 -13.09 0.69 16.07
C TYR A 295 -13.14 0.33 17.55
N SER A 296 -13.65 1.25 18.36
CA SER A 296 -13.74 1.02 19.80
C SER A 296 -14.58 -0.21 20.10
N ALA A 297 -15.73 -0.33 19.45
CA ALA A 297 -16.53 -1.52 19.63
C ALA A 297 -15.78 -2.76 19.19
N TYR A 298 -15.02 -2.68 18.09
CA TYR A 298 -14.34 -3.88 17.60
C TYR A 298 -13.28 -4.35 18.58
N VAL A 299 -12.49 -3.42 19.12
CA VAL A 299 -11.42 -3.77 20.04
C VAL A 299 -12.00 -4.15 21.41
N SER A 300 -13.01 -3.43 21.89
CA SER A 300 -13.67 -3.85 23.14
C SER A 300 -14.10 -5.30 23.07
N ASP A 301 -14.67 -5.73 21.95
CA ASP A 301 -15.00 -7.15 21.80
C ASP A 301 -13.78 -8.00 21.47
N ASN A 302 -12.72 -7.42 20.91
CA ASN A 302 -11.53 -8.16 20.50
C ASN A 302 -10.31 -7.37 20.93
N PRO A 303 -9.97 -7.41 22.22
CA PRO A 303 -8.89 -6.56 22.72
C PRO A 303 -7.52 -6.95 22.20
N GLU A 304 -7.32 -8.21 21.81
CA GLU A 304 -6.06 -8.64 21.22
C GLU A 304 -5.85 -8.11 19.80
N CYS A 305 -6.81 -7.37 19.23
CA CYS A 305 -6.77 -6.98 17.84
C CYS A 305 -6.63 -5.47 17.65
N SER A 306 -6.18 -4.75 18.67
CA SER A 306 -5.96 -3.31 18.54
C SER A 306 -4.68 -3.03 17.77
N ILE A 307 -4.54 -1.79 17.32
CA ILE A 307 -3.34 -1.41 16.57
C ILE A 307 -2.12 -1.56 17.45
N GLN A 308 -1.03 -2.03 16.85
CA GLN A 308 0.20 -2.30 17.59
C GLN A 308 1.02 -1.02 17.63
N LEU A 309 0.93 -0.31 18.76
CA LEU A 309 1.55 0.99 18.95
C LEU A 309 2.86 0.93 19.71
N LYS A 310 3.13 -0.17 20.43
CA LYS A 310 4.39 -0.34 21.14
C LYS A 310 5.47 -0.87 20.18
N LYS A 311 5.78 -0.06 19.16
CA LYS A 311 6.69 -0.40 18.09
C LYS A 311 7.52 0.82 17.74
N PRO A 312 8.74 0.63 17.22
CA PRO A 312 9.57 1.80 16.85
C PRO A 312 8.89 2.73 15.86
N MET A 313 8.19 2.17 14.86
CA MET A 313 7.65 2.96 13.76
C MET A 313 6.18 2.59 13.62
N VAL A 314 5.30 3.59 13.67
CA VAL A 314 3.85 3.39 13.57
C VAL A 314 3.36 4.16 12.36
N VAL A 315 2.89 3.41 11.36
CA VAL A 315 2.21 3.94 10.18
C VAL A 315 0.88 3.21 10.10
N GLN A 316 -0.20 3.94 10.29
CA GLN A 316 -1.54 3.35 10.38
C GLN A 316 -2.21 3.28 9.01
N ASP A 317 -2.66 2.08 8.64
CA ASP A 317 -3.49 1.94 7.43
C ASP A 317 -4.71 2.85 7.53
N PRO A 318 -5.06 3.61 6.47
CA PRO A 318 -6.16 4.57 6.60
C PRO A 318 -7.55 3.96 6.57
N ILE A 319 -7.66 2.65 6.31
CA ILE A 319 -8.93 1.93 6.26
C ILE A 319 -8.97 0.81 7.29
N GLN A 320 -7.95 -0.04 7.33
CA GLN A 320 -7.87 -1.09 8.36
C GLN A 320 -7.15 -0.48 9.55
N LEU A 321 -7.93 0.21 10.38
CA LEU A 321 -7.35 1.14 11.35
C LEU A 321 -6.62 0.43 12.47
N ASN A 322 -6.79 -0.88 12.60
CA ASN A 322 -6.06 -1.64 13.60
C ASN A 322 -4.72 -2.15 13.08
N HIS A 323 -4.29 -1.73 11.91
CA HIS A 323 -3.07 -2.25 11.31
C HIS A 323 -1.97 -1.20 11.27
N ASN A 324 -0.93 -1.41 12.07
CA ASN A 324 0.33 -0.71 11.90
C ASN A 324 1.15 -1.39 10.80
N VAL A 325 1.21 -0.79 9.61
CA VAL A 325 1.86 -1.46 8.47
C VAL A 325 3.38 -1.55 8.59
N THR A 326 4.02 -0.84 9.52
CA THR A 326 5.46 -0.89 9.74
C THR A 326 5.81 -1.57 11.05
N LYS A 327 4.93 -2.45 11.52
CA LYS A 327 5.15 -3.11 12.80
C LYS A 327 6.40 -4.00 12.82
N ALA A 328 6.96 -4.33 11.64
CA ALA A 328 8.18 -5.13 11.55
C ALA A 328 9.45 -4.30 11.58
N VAL A 329 9.35 -2.99 11.60
CA VAL A 329 10.55 -2.16 11.63
C VAL A 329 11.13 -2.23 13.04
N THR A 330 12.42 -2.53 13.12
CA THR A 330 13.15 -2.62 14.37
C THR A 330 13.77 -1.28 14.71
N LYS A 331 14.31 -1.19 15.92
CA LYS A 331 14.96 0.05 16.34
C LYS A 331 16.09 0.41 15.39
N TYR A 332 16.93 -0.57 15.05
CA TYR A 332 18.04 -0.28 14.16
C TYR A 332 17.59 -0.08 12.73
N GLY A 333 16.53 -0.78 12.30
CA GLY A 333 15.98 -0.55 10.98
C GLY A 333 15.38 0.84 10.84
N LEU A 334 14.76 1.35 11.91
CA LEU A 334 14.30 2.73 11.91
C LEU A 334 15.48 3.71 11.84
N GLN A 335 16.53 3.49 12.64
CA GLN A 335 17.69 4.38 12.56
C GLN A 335 18.26 4.40 11.16
N THR A 336 18.32 3.22 10.54
CA THR A 336 18.81 3.12 9.18
C THR A 336 17.96 3.95 8.23
N PHE A 337 16.65 3.77 8.29
CA PHE A 337 15.73 4.54 7.46
C PHE A 337 15.94 6.04 7.66
N VAL A 338 16.00 6.48 8.91
CA VAL A 338 16.14 7.91 9.23
C VAL A 338 17.46 8.43 8.69
N ASP A 339 18.54 7.69 8.94
CA ASP A 339 19.85 8.10 8.42
C ASP A 339 19.84 8.21 6.89
N TYR A 340 19.24 7.23 6.20
CA TYR A 340 19.16 7.30 4.74
C TYR A 340 18.34 8.51 4.28
N CYS A 341 17.23 8.80 4.96
CA CYS A 341 16.43 9.98 4.61
C CYS A 341 17.25 11.25 4.75
N GLN A 342 17.94 11.39 5.86
CA GLN A 342 18.82 12.54 6.10
C GLN A 342 19.81 12.73 4.95
N GLN A 343 20.53 11.67 4.60
CA GLN A 343 21.54 11.79 3.56
C GLN A 343 20.91 12.05 2.20
N THR A 344 19.71 11.51 1.96
CA THR A 344 19.04 11.72 0.68
C THR A 344 18.58 13.16 0.52
N ALA A 345 17.97 13.74 1.56
CA ALA A 345 17.52 15.12 1.46
C ALA A 345 18.70 16.05 1.20
N GLU A 346 19.85 15.75 1.82
CA GLU A 346 21.06 16.55 1.61
C GLU A 346 21.47 16.53 0.14
N LEU A 347 21.48 15.35 -0.48
CA LEU A 347 21.92 15.25 -1.87
C LEU A 347 20.94 15.88 -2.85
N LEU A 348 19.70 16.13 -2.43
CA LEU A 348 18.68 16.77 -3.27
C LEU A 348 18.62 18.28 -3.13
N GLU A 349 19.51 18.88 -2.33
CA GLU A 349 19.56 20.33 -2.20
C GLU A 349 20.08 20.99 -3.47
N GLU A 350 19.52 22.17 -3.80
CA GLU A 350 20.06 23.01 -4.86
C GLU A 350 21.21 23.86 -4.31
N PRO A 351 22.24 24.17 -5.14
CA PRO A 351 23.30 25.10 -4.71
C PRO A 351 22.87 26.56 -4.73
PA UTP B . 4.02 -8.71 5.74
O1A UTP B . 4.94 -7.57 5.34
O2A UTP B . 2.84 -8.13 6.56
O3A UTP B . 4.88 -9.80 6.67
O5' UTP B . 3.42 -9.48 4.35
PB UTP B . 4.33 -11.33 7.11
O1B UTP B . 4.21 -12.22 5.84
O2B UTP B . 5.34 -11.97 8.08
O3B UTP B . 2.92 -11.18 7.86
PG UTP B . 2.78 -10.26 9.20
O1G UTP B . 2.05 -8.94 8.84
O2G UTP B . 4.17 -9.95 9.71
O3G UTP B . 2.00 -11.01 10.29
C5' UTP B . 4.35 -10.08 3.44
C4' UTP B . 4.20 -9.42 2.03
O4' UTP B . 2.80 -9.76 1.42
C1' UTP B . 2.28 -8.44 0.88
C2' UTP B . 2.82 -7.54 1.72
O2' UTP B . 3.04 -6.25 1.12
C3' UTP B . 4.26 -8.13 2.13
O3' UTP B . 5.29 -7.58 1.21
N1 UTP B . 0.79 -8.47 0.74
C6 UTP B . -0.04 -8.16 1.76
C2 UTP B . 0.25 -8.84 -0.48
O2 UTP B . 0.95 -9.14 -1.39
N3 UTP B . -1.11 -8.88 -0.64
C4 UTP B . -1.94 -8.56 0.39
O4 UTP B . -3.15 -8.57 0.21
C5 UTP B . -1.41 -8.17 1.59
H5'1 UTP B . 5.25 -9.94 3.76
H5'2 UTP B . 4.17 -11.03 3.38
H4' UTP B . 4.90 -9.74 1.43
H1' UTP B . 2.67 -8.30 0.01
H2' UTP B . 2.25 -7.46 2.52
HA UTP B . 3.50 -5.77 1.65
H3' UTP B . 4.46 -7.87 3.04
HB UTP B . 5.77 -7.00 1.63
H6 UTP B . 0.33 -7.90 2.57
H3 UTP B . -1.45 -9.11 -1.40
H5 UTP B . -1.97 -7.94 2.30
PA UTP C . 2.56 -5.89 -2.47
O1A UTP C . 3.59 -6.36 -1.51
O2A UTP C . 2.48 -6.76 -3.74
O3A UTP C . 3.04 -4.37 -2.80
O5' UTP C . 1.06 -5.77 -1.74
PB UTP C . 2.53 -3.42 -4.04
O1B UTP C . 1.79 -4.30 -5.06
O2B UTP C . 1.87 -2.15 -3.49
O3B UTP C . 3.90 -2.99 -4.73
PG UTP C . 4.98 -4.04 -5.34
O1G UTP C . 4.37 -5.40 -5.56
O2G UTP C . 6.24 -4.08 -4.46
O3G UTP C . 5.31 -3.40 -6.71
C5' UTP C . 0.01 -5.59 -2.68
C4' UTP C . -1.03 -4.67 -2.02
O4' UTP C . -1.35 -5.42 -0.73
C1' UTP C . -2.00 -4.38 0.12
C2' UTP C . -1.84 -3.22 -0.60
O2' UTP C . -3.03 -3.00 -1.39
C3' UTP C . -0.64 -3.49 -1.57
O3' UTP C . -0.60 -2.51 -2.71
N1 UTP C . -1.23 -4.36 1.39
C6 UTP C . 0.07 -4.66 1.46
C2 UTP C . -1.91 -3.96 2.50
O2 UTP C . -3.05 -3.71 2.40
N3 UTP C . -1.24 -3.85 3.69
C4 UTP C . 0.05 -4.13 3.80
O4 UTP C . 0.58 -4.01 4.90
C5 UTP C . 0.75 -4.55 2.67
H5'1 UTP C . 0.34 -5.18 -3.49
H5'2 UTP C . -0.40 -6.45 -2.89
H4' UTP C . -1.83 -4.58 -2.57
H1' UTP C . -2.93 -4.58 0.26
H2' UTP C . -1.66 -2.47 -0.01
HA UTP C . -3.11 -2.17 -1.53
H3' UTP C . 0.21 -3.55 -1.10
HB UTP C . -1.39 -2.31 -2.93
H6 UTP C . 0.53 -4.90 0.69
H3 UTP C . -1.68 -3.61 4.40
H5 UTP C . 1.65 -4.74 2.72
MG MG D . 2.28 -6.13 -5.74
#